data_8Z4A
#
_entry.id   8Z4A
#
_entity_poly.entity_id   1
_entity_poly.type   'polypeptide(L)'
_entity_poly.pdbx_seq_one_letter_code
;METSSCVVDESEKKKLIMGTGHLSIPTGQHVVCRPWNPEITLPQDAEMLFRDDKFIAYRLVKPLEHHHHHH
;
_entity_poly.pdbx_strand_id   A
#
# COMPACT_ATOMS: atom_id res chain seq x y z
N ILE A 25 -1.22 -12.52 4.92
CA ILE A 25 -2.30 -11.65 4.45
C ILE A 25 -3.66 -12.20 4.84
N PRO A 26 -4.40 -11.42 5.62
CA PRO A 26 -5.75 -11.81 6.03
C PRO A 26 -6.61 -12.18 4.83
N THR A 27 -7.42 -13.23 4.98
CA THR A 27 -8.25 -13.72 3.89
C THR A 27 -9.15 -12.62 3.34
N GLY A 28 -9.15 -12.46 2.02
CA GLY A 28 -10.00 -11.49 1.37
C GLY A 28 -9.27 -10.18 1.11
N GLN A 29 -8.11 -10.03 1.75
CA GLN A 29 -7.31 -8.83 1.60
C GLN A 29 -6.10 -9.07 0.72
N HIS A 30 -5.50 -7.99 0.23
CA HIS A 30 -4.29 -8.08 -0.59
C HIS A 30 -3.28 -6.99 -0.22
N VAL A 31 -2.15 -7.39 0.33
CA VAL A 31 -1.10 -6.44 0.68
C VAL A 31 -0.16 -6.20 -0.49
N VAL A 32 0.03 -4.93 -0.84
CA VAL A 32 0.84 -4.56 -2.00
C VAL A 32 1.88 -3.51 -1.64
N CYS A 33 3.11 -3.71 -2.12
CA CYS A 33 4.16 -2.72 -1.95
C CYS A 33 4.63 -2.16 -3.29
N ARG A 34 4.86 -0.86 -3.33
CA ARG A 34 5.31 -0.21 -4.55
C ARG A 34 6.55 0.64 -4.29
N PRO A 35 7.34 0.87 -5.33
CA PRO A 35 8.55 1.69 -5.22
C PRO A 35 8.24 3.02 -4.56
N TRP A 36 9.14 3.47 -3.69
CA TRP A 36 8.94 4.70 -2.93
C TRP A 36 8.42 5.82 -3.83
N ASN A 37 7.30 6.42 -3.43
CA ASN A 37 6.72 7.52 -4.20
C ASN A 37 5.90 8.43 -3.29
N PRO A 38 6.47 9.58 -2.93
CA PRO A 38 5.82 10.50 -2.01
C PRO A 38 4.43 10.88 -2.50
N GLU A 39 4.22 10.78 -3.80
CA GLU A 39 2.95 11.17 -4.41
C GLU A 39 2.15 9.95 -4.87
N ILE A 40 2.43 8.81 -4.26
CA ILE A 40 1.71 7.58 -4.56
C ILE A 40 0.20 7.80 -4.49
N THR A 41 -0.51 7.32 -5.51
CA THR A 41 -1.96 7.45 -5.55
C THR A 41 -2.64 6.10 -5.36
N LEU A 42 -3.44 5.99 -4.30
CA LEU A 42 -4.12 4.75 -3.99
C LEU A 42 -5.63 4.88 -4.16
N PRO A 43 -6.28 3.76 -4.48
CA PRO A 43 -7.73 3.74 -4.62
C PRO A 43 -8.42 3.86 -3.27
N GLN A 44 -9.71 4.19 -3.29
CA GLN A 44 -10.47 4.35 -2.06
C GLN A 44 -10.61 3.02 -1.32
N ASP A 45 -10.28 1.94 -2.01
CA ASP A 45 -10.38 0.60 -1.42
C ASP A 45 -9.07 0.20 -0.75
N ALA A 46 -8.10 1.10 -0.76
CA ALA A 46 -6.79 0.83 -0.19
C ALA A 46 -6.62 1.48 1.17
N GLU A 47 -5.87 0.83 2.05
CA GLU A 47 -5.45 1.45 3.30
C GLU A 47 -3.92 1.49 3.40
N MET A 48 -3.40 2.63 3.83
CA MET A 48 -1.96 2.80 3.99
C MET A 48 -1.44 2.07 5.22
N LEU A 49 -0.35 1.32 5.05
CA LEU A 49 0.27 0.62 6.17
C LEU A 49 1.47 1.39 6.70
N PHE A 50 2.39 1.73 5.81
CA PHE A 50 3.54 2.56 6.18
C PHE A 50 4.30 3.01 4.94
N ARG A 51 5.16 4.02 5.12
CA ARG A 51 6.04 4.48 4.05
C ARG A 51 7.50 4.29 4.41
N ASP A 52 8.23 3.55 3.58
CA ASP A 52 9.66 3.35 3.77
C ASP A 52 10.47 4.22 2.82
N ASP A 53 11.79 4.14 2.94
CA ASP A 53 12.69 4.87 2.06
C ASP A 53 12.89 4.13 0.74
N LYS A 54 12.45 2.87 0.71
CA LYS A 54 12.62 2.04 -0.48
C LYS A 54 11.29 1.79 -1.17
N PHE A 55 10.24 1.61 -0.37
CA PHE A 55 8.92 1.26 -0.90
C PHE A 55 7.81 1.78 0.01
N ILE A 56 6.59 1.83 -0.53
CA ILE A 56 5.43 2.16 0.27
C ILE A 56 4.46 0.99 0.34
N ALA A 57 3.99 0.68 1.55
CA ALA A 57 3.16 -0.49 1.78
C ALA A 57 1.70 -0.10 2.00
N TYR A 58 0.80 -0.78 1.30
CA TYR A 58 -0.63 -0.62 1.54
C TYR A 58 -1.37 -1.95 1.34
N ARG A 59 -2.64 -1.98 1.75
CA ARG A 59 -3.46 -3.16 1.57
C ARG A 59 -4.81 -2.81 0.96
N LEU A 60 -5.36 -3.73 0.17
CA LEU A 60 -6.73 -3.62 -0.31
C LEU A 60 -7.69 -4.40 0.57
N VAL A 61 -8.82 -3.77 0.91
CA VAL A 61 -9.79 -4.39 1.80
C VAL A 61 -11.21 -4.24 1.25
N ILE A 25 1.14 -11.63 6.45
CA ILE A 25 -0.18 -11.20 6.01
C ILE A 25 -1.27 -12.13 6.52
N PRO A 26 -2.17 -11.58 7.33
CA PRO A 26 -3.28 -12.36 7.87
C PRO A 26 -4.06 -13.04 6.76
N THR A 27 -4.51 -14.27 7.03
CA THR A 27 -5.25 -15.05 6.04
C THR A 27 -6.47 -14.29 5.54
N GLY A 28 -6.63 -14.23 4.23
CA GLY A 28 -7.78 -13.56 3.63
C GLY A 28 -7.46 -12.13 3.25
N GLN A 29 -6.33 -11.63 3.75
CA GLN A 29 -5.89 -10.26 3.45
C GLN A 29 -4.77 -10.26 2.43
N HIS A 30 -4.54 -9.09 1.82
CA HIS A 30 -3.45 -8.93 0.87
C HIS A 30 -2.74 -7.59 1.08
N VAL A 31 -1.41 -7.62 1.00
CA VAL A 31 -0.62 -6.40 1.11
C VAL A 31 0.23 -6.18 -0.14
N VAL A 32 0.21 -4.97 -0.66
CA VAL A 32 0.94 -4.65 -1.89
C VAL A 32 1.92 -3.50 -1.66
N CYS A 33 3.12 -3.65 -2.18
CA CYS A 33 4.15 -2.63 -2.06
C CYS A 33 4.50 -2.02 -3.41
N ARG A 34 4.82 -0.73 -3.42
CA ARG A 34 5.31 -0.08 -4.62
C ARG A 34 6.59 0.70 -4.33
N PRO A 35 7.40 0.92 -5.36
CA PRO A 35 8.61 1.73 -5.24
C PRO A 35 8.31 3.06 -4.57
N TRP A 36 9.21 3.48 -3.68
CA TRP A 36 9.01 4.71 -2.92
C TRP A 36 8.50 5.84 -3.80
N ASN A 37 7.41 6.46 -3.39
CA ASN A 37 6.83 7.58 -4.14
C ASN A 37 6.00 8.48 -3.25
N PRO A 38 6.56 9.63 -2.90
CA PRO A 38 5.90 10.56 -1.97
C PRO A 38 4.50 10.90 -2.45
N GLU A 39 4.29 10.80 -3.76
CA GLU A 39 3.00 11.16 -4.36
C GLU A 39 2.25 9.92 -4.81
N ILE A 40 2.54 8.79 -4.20
CA ILE A 40 1.87 7.54 -4.52
C ILE A 40 0.36 7.71 -4.50
N THR A 41 -0.31 7.20 -5.53
CA THR A 41 -1.76 7.25 -5.61
C THR A 41 -2.37 5.86 -5.50
N LEU A 42 -3.23 5.67 -4.51
CA LEU A 42 -3.79 4.36 -4.22
C LEU A 42 -5.29 4.33 -4.48
N PRO A 43 -5.82 3.15 -4.78
CA PRO A 43 -7.26 2.96 -4.88
C PRO A 43 -7.98 3.45 -3.64
N GLN A 44 -9.21 3.92 -3.81
CA GLN A 44 -10.00 4.45 -2.71
C GLN A 44 -10.29 3.37 -1.67
N ASP A 45 -10.11 2.11 -2.06
CA ASP A 45 -10.38 0.99 -1.17
C ASP A 45 -9.11 0.53 -0.47
N ALA A 46 -8.00 1.22 -0.74
CA ALA A 46 -6.71 0.85 -0.18
C ALA A 46 -6.50 1.52 1.17
N GLU A 47 -5.80 0.83 2.06
CA GLU A 47 -5.44 1.39 3.37
C GLU A 47 -3.93 1.45 3.54
N MET A 48 -3.40 2.66 3.70
CA MET A 48 -1.97 2.85 3.88
C MET A 48 -1.48 2.19 5.17
N LEU A 49 -0.40 1.42 5.07
CA LEU A 49 0.17 0.76 6.22
C LEU A 49 1.39 1.52 6.74
N PHE A 50 2.34 1.79 5.85
CA PHE A 50 3.52 2.56 6.20
C PHE A 50 4.27 3.01 4.96
N ARG A 51 5.15 3.99 5.12
CA ARG A 51 6.04 4.42 4.05
C ARG A 51 7.51 4.22 4.43
N ASP A 52 8.23 3.48 3.59
CA ASP A 52 9.66 3.28 3.79
C ASP A 52 10.47 4.16 2.85
N ASP A 53 11.80 4.09 2.98
CA ASP A 53 12.69 4.83 2.11
C ASP A 53 12.90 4.09 0.79
N LYS A 54 12.47 2.84 0.74
CA LYS A 54 12.63 2.02 -0.46
C LYS A 54 11.30 1.76 -1.16
N PHE A 55 10.26 1.58 -0.36
CA PHE A 55 8.95 1.21 -0.88
C PHE A 55 7.83 1.70 0.02
N ILE A 56 6.62 1.74 -0.52
CA ILE A 56 5.44 2.06 0.27
C ILE A 56 4.44 0.91 0.28
N ALA A 57 3.95 0.56 1.48
CA ALA A 57 3.09 -0.60 1.64
C ALA A 57 1.67 -0.19 1.97
N TYR A 58 0.70 -0.88 1.38
CA TYR A 58 -0.71 -0.66 1.69
C TYR A 58 -1.50 -1.96 1.66
N ARG A 59 -2.63 -1.99 2.35
CA ARG A 59 -3.51 -3.14 2.32
C ARG A 59 -4.67 -2.93 1.36
N LEU A 60 -4.97 -3.95 0.57
CA LEU A 60 -6.06 -3.87 -0.40
C LEU A 60 -6.68 -5.24 -0.64
N VAL A 61 -7.97 -5.36 -0.34
CA VAL A 61 -8.66 -6.64 -0.42
C VAL A 61 -10.00 -6.50 -1.13
N ILE A 25 -2.86 -12.12 6.52
CA ILE A 25 -3.81 -11.36 5.69
C ILE A 25 -5.17 -12.05 5.63
N PRO A 26 -6.17 -11.37 6.17
CA PRO A 26 -7.53 -11.90 6.15
C PRO A 26 -7.97 -12.28 4.75
N THR A 27 -8.71 -13.38 4.63
CA THR A 27 -9.14 -13.89 3.33
C THR A 27 -9.91 -12.83 2.56
N GLY A 28 -9.53 -12.62 1.30
CA GLY A 28 -10.20 -11.66 0.45
C GLY A 28 -9.43 -10.34 0.39
N GLN A 29 -8.53 -10.14 1.35
CA GLN A 29 -7.72 -8.94 1.38
C GLN A 29 -6.33 -9.19 0.81
N HIS A 30 -5.68 -8.13 0.37
CA HIS A 30 -4.33 -8.22 -0.20
C HIS A 30 -3.43 -7.12 0.33
N VAL A 31 -2.13 -7.40 0.39
CA VAL A 31 -1.14 -6.38 0.72
C VAL A 31 -0.16 -6.19 -0.43
N VAL A 32 0.01 -4.94 -0.85
CA VAL A 32 0.84 -4.61 -2.01
C VAL A 32 1.93 -3.62 -1.66
N CYS A 33 3.14 -3.88 -2.13
CA CYS A 33 4.26 -2.97 -1.93
C CYS A 33 4.74 -2.37 -3.24
N ARG A 34 4.82 -1.05 -3.28
CA ARG A 34 5.27 -0.34 -4.48
C ARG A 34 6.34 0.70 -4.14
N PRO A 35 7.15 1.05 -5.14
CA PRO A 35 8.10 2.13 -5.00
C PRO A 35 7.43 3.40 -4.49
N TRP A 36 8.10 4.11 -3.59
CA TRP A 36 7.53 5.29 -2.95
C TRP A 36 7.63 6.51 -3.87
N ASN A 37 6.57 7.32 -3.88
CA ASN A 37 6.61 8.58 -4.59
C ASN A 37 5.65 9.60 -3.96
N PRO A 38 6.17 10.78 -3.66
CA PRO A 38 5.38 11.82 -3.03
C PRO A 38 4.06 12.03 -3.76
N GLU A 39 4.07 11.77 -5.07
CA GLU A 39 2.88 12.00 -5.90
C GLU A 39 2.28 10.68 -6.37
N ILE A 40 2.55 9.61 -5.63
CA ILE A 40 2.02 8.30 -5.96
C ILE A 40 0.49 8.28 -5.87
N THR A 41 -0.14 7.57 -6.81
CA THR A 41 -1.58 7.36 -6.75
C THR A 41 -1.90 5.91 -6.40
N LEU A 42 -2.66 5.73 -5.32
CA LEU A 42 -3.03 4.39 -4.87
C LEU A 42 -4.50 4.10 -5.16
N PRO A 43 -4.84 2.82 -5.27
CA PRO A 43 -6.22 2.40 -5.49
C PRO A 43 -7.15 3.02 -4.45
N GLN A 44 -8.37 3.33 -4.87
CA GLN A 44 -9.35 3.95 -3.99
C GLN A 44 -9.72 3.03 -2.84
N ASP A 45 -9.41 1.75 -2.99
CA ASP A 45 -9.69 0.76 -1.95
C ASP A 45 -8.46 0.45 -1.13
N ALA A 46 -7.41 1.26 -1.29
CA ALA A 46 -6.15 1.05 -0.60
C ALA A 46 -6.19 1.62 0.82
N GLU A 47 -5.59 0.92 1.76
CA GLU A 47 -5.36 1.45 3.09
C GLU A 47 -3.89 1.44 3.45
N MET A 48 -3.31 2.64 3.58
CA MET A 48 -1.88 2.78 3.79
C MET A 48 -1.43 2.06 5.07
N LEU A 49 -0.35 1.30 4.96
CA LEU A 49 0.20 0.60 6.12
C LEU A 49 1.45 1.30 6.63
N PHE A 50 2.39 1.57 5.73
CA PHE A 50 3.63 2.25 6.09
C PHE A 50 4.40 2.67 4.85
N ARG A 51 5.39 3.54 5.05
CA ARG A 51 6.30 3.91 3.97
C ARG A 51 7.68 4.28 4.51
N ASP A 52 8.69 4.22 3.65
CA ASP A 52 9.97 4.85 3.93
C ASP A 52 10.47 5.62 2.71
N ASP A 53 11.80 5.74 2.61
CA ASP A 53 12.41 6.57 1.57
C ASP A 53 12.49 5.81 0.25
N LYS A 54 12.10 4.54 0.26
CA LYS A 54 12.24 3.68 -0.89
C LYS A 54 10.89 3.15 -1.37
N PHE A 55 10.12 2.60 -0.44
CA PHE A 55 8.92 1.86 -0.78
C PHE A 55 7.73 2.29 0.07
N ILE A 56 6.53 2.07 -0.44
CA ILE A 56 5.32 2.25 0.34
C ILE A 56 4.42 1.02 0.27
N ALA A 57 3.84 0.63 1.39
CA ALA A 57 2.97 -0.53 1.45
C ALA A 57 1.54 -0.13 1.80
N TYR A 58 0.57 -0.81 1.19
CA TYR A 58 -0.83 -0.57 1.48
C TYR A 58 -1.64 -1.86 1.42
N ARG A 59 -2.79 -1.88 2.07
CA ARG A 59 -3.67 -3.04 2.04
C ARG A 59 -4.92 -2.76 1.22
N LEU A 60 -5.34 -3.75 0.44
CA LEU A 60 -6.59 -3.67 -0.31
C LEU A 60 -7.73 -4.34 0.45
N VAL A 61 -8.79 -3.58 0.70
CA VAL A 61 -9.92 -4.09 1.48
C VAL A 61 -11.23 -3.84 0.74
N ILE A 25 -0.37 -12.68 4.42
CA ILE A 25 -1.57 -11.96 4.02
C ILE A 25 -2.82 -12.76 4.33
N PRO A 26 -3.62 -12.25 5.28
CA PRO A 26 -4.87 -12.91 5.66
C PRO A 26 -5.76 -13.15 4.44
N THR A 27 -6.46 -14.27 4.44
CA THR A 27 -7.35 -14.62 3.34
C THR A 27 -8.40 -13.53 3.13
N GLY A 28 -8.57 -13.13 1.87
CA GLY A 28 -9.55 -12.11 1.53
C GLY A 28 -8.90 -10.74 1.43
N GLN A 29 -7.65 -10.64 1.87
CA GLN A 29 -6.91 -9.38 1.82
C GLN A 29 -5.77 -9.45 0.80
N HIS A 30 -5.34 -8.29 0.33
CA HIS A 30 -4.18 -8.20 -0.55
C HIS A 30 -3.26 -7.06 -0.16
N VAL A 31 -2.06 -7.40 0.28
CA VAL A 31 -1.06 -6.40 0.64
C VAL A 31 -0.11 -6.13 -0.51
N VAL A 32 0.06 -4.86 -0.84
CA VAL A 32 0.87 -4.48 -1.99
C VAL A 32 1.95 -3.47 -1.59
N CYS A 33 3.17 -3.69 -2.07
CA CYS A 33 4.25 -2.75 -1.87
C CYS A 33 4.85 -2.29 -3.19
N ARG A 34 4.99 -0.97 -3.34
CA ARG A 34 5.51 -0.39 -4.58
C ARG A 34 6.70 0.52 -4.31
N PRO A 35 7.55 0.69 -5.31
CA PRO A 35 8.70 1.57 -5.20
C PRO A 35 8.30 2.95 -4.68
N TRP A 36 9.13 3.52 -3.81
CA TRP A 36 8.84 4.82 -3.22
C TRP A 36 8.37 5.82 -4.27
N ASN A 37 7.22 6.44 -4.01
CA ASN A 37 6.67 7.42 -4.94
C ASN A 37 5.79 8.43 -4.20
N PRO A 38 6.33 9.63 -3.99
CA PRO A 38 5.64 10.65 -3.22
C PRO A 38 4.28 10.98 -3.83
N GLU A 39 4.12 10.66 -5.11
CA GLU A 39 2.90 10.99 -5.83
C GLU A 39 2.10 9.72 -6.16
N ILE A 40 2.35 8.66 -5.40
CA ILE A 40 1.63 7.40 -5.59
C ILE A 40 0.13 7.61 -5.54
N THR A 41 -0.59 6.97 -6.45
CA THR A 41 -2.05 7.03 -6.47
C THR A 41 -2.66 5.69 -6.07
N LEU A 42 -3.41 5.70 -4.98
CA LEU A 42 -4.01 4.47 -4.47
C LEU A 42 -5.53 4.51 -4.60
N PRO A 43 -6.15 3.33 -4.70
CA PRO A 43 -7.59 3.22 -4.68
C PRO A 43 -8.19 3.96 -3.49
N GLN A 44 -9.37 4.54 -3.68
CA GLN A 44 -10.01 5.35 -2.65
C GLN A 44 -10.35 4.52 -1.43
N ASP A 45 -10.38 3.20 -1.61
CA ASP A 45 -10.72 2.29 -0.52
C ASP A 45 -9.48 1.63 0.05
N ALA A 46 -8.31 2.11 -0.36
CA ALA A 46 -7.05 1.54 0.08
C ALA A 46 -6.71 1.98 1.50
N GLU A 47 -5.98 1.13 2.22
CA GLU A 47 -5.45 1.49 3.53
C GLU A 47 -3.93 1.52 3.53
N MET A 48 -3.37 2.64 3.95
CA MET A 48 -1.92 2.78 4.05
C MET A 48 -1.37 2.03 5.25
N LEU A 49 -0.33 1.22 5.02
CA LEU A 49 0.30 0.45 6.08
C LEU A 49 1.52 1.15 6.64
N PHE A 50 2.43 1.55 5.76
CA PHE A 50 3.60 2.32 6.16
C PHE A 50 4.32 2.89 4.93
N ARG A 51 5.19 3.87 5.17
CA ARG A 51 5.99 4.45 4.10
C ARG A 51 7.42 4.71 4.56
N ASP A 52 8.38 4.40 3.68
CA ASP A 52 9.76 4.81 3.89
C ASP A 52 10.38 5.30 2.59
N ASP A 53 11.71 5.31 2.55
CA ASP A 53 12.44 5.90 1.43
C ASP A 53 12.67 4.88 0.32
N LYS A 54 12.15 3.67 0.52
CA LYS A 54 12.35 2.58 -0.42
C LYS A 54 11.04 2.15 -1.07
N PHE A 55 10.05 1.85 -0.24
CA PHE A 55 8.78 1.32 -0.73
C PHE A 55 7.60 1.97 -0.02
N ILE A 56 6.45 1.99 -0.69
CA ILE A 56 5.19 2.35 -0.04
C ILE A 56 4.28 1.14 0.07
N ALA A 57 3.83 0.85 1.30
CA ALA A 57 3.04 -0.35 1.56
C ALA A 57 1.60 0.01 1.87
N TYR A 58 0.68 -0.66 1.19
CA TYR A 58 -0.75 -0.46 1.44
C TYR A 58 -1.53 -1.76 1.28
N ARG A 59 -2.75 -1.79 1.80
CA ARG A 59 -3.58 -2.98 1.75
C ARG A 59 -4.91 -2.72 1.06
N LEU A 60 -5.34 -3.66 0.23
CA LEU A 60 -6.68 -3.61 -0.34
C LEU A 60 -7.57 -4.72 0.22
N VAL A 61 -8.82 -4.40 0.46
CA VAL A 61 -9.77 -5.35 1.00
C VAL A 61 -11.11 -5.29 0.26
N ILE A 25 -3.99 -10.86 7.60
CA ILE A 25 -4.76 -10.39 6.46
C ILE A 25 -5.95 -11.29 6.19
N PRO A 26 -7.15 -10.80 6.48
CA PRO A 26 -8.37 -11.57 6.25
C PRO A 26 -8.48 -12.03 4.81
N THR A 27 -9.04 -13.22 4.61
CA THR A 27 -9.20 -13.78 3.27
C THR A 27 -9.93 -12.81 2.36
N GLY A 28 -9.38 -12.59 1.17
CA GLY A 28 -9.99 -11.69 0.19
C GLY A 28 -9.26 -10.36 0.16
N GLN A 29 -8.51 -10.07 1.20
CA GLN A 29 -7.71 -8.85 1.26
C GLN A 29 -6.26 -9.12 0.84
N HIS A 30 -5.60 -8.09 0.32
CA HIS A 30 -4.25 -8.23 -0.21
C HIS A 30 -3.35 -7.10 0.28
N VAL A 31 -2.06 -7.39 0.36
CA VAL A 31 -1.06 -6.36 0.65
C VAL A 31 -0.11 -6.15 -0.51
N VAL A 32 0.06 -4.90 -0.91
CA VAL A 32 0.88 -4.56 -2.06
C VAL A 32 1.93 -3.51 -1.73
N CYS A 33 3.14 -3.71 -2.21
CA CYS A 33 4.22 -2.74 -2.02
C CYS A 33 4.65 -2.13 -3.34
N ARG A 34 4.86 -0.82 -3.35
CA ARG A 34 5.30 -0.12 -4.55
C ARG A 34 6.49 0.78 -4.26
N PRO A 35 7.25 1.10 -5.30
CA PRO A 35 8.40 1.99 -5.18
C PRO A 35 8.04 3.26 -4.43
N TRP A 36 8.91 3.69 -3.53
CA TRP A 36 8.64 4.82 -2.67
C TRP A 36 8.50 6.11 -3.46
N ASN A 37 7.47 6.90 -3.14
CA ASN A 37 7.27 8.19 -3.77
C ASN A 37 6.44 9.12 -2.89
N PRO A 38 7.00 10.29 -2.59
CA PRO A 38 6.32 11.25 -1.72
C PRO A 38 4.89 11.48 -2.16
N GLU A 39 4.65 11.41 -3.47
CA GLU A 39 3.34 11.70 -4.04
C GLU A 39 2.74 10.47 -4.70
N ILE A 40 3.06 9.29 -4.15
CA ILE A 40 2.54 8.04 -4.69
C ILE A 40 1.02 8.07 -4.78
N THR A 41 0.49 7.56 -5.88
CA THR A 41 -0.96 7.44 -6.06
C THR A 41 -1.41 6.00 -5.86
N LEU A 42 -2.32 5.80 -4.91
CA LEU A 42 -2.78 4.46 -4.56
C LEU A 42 -4.22 4.25 -4.99
N PRO A 43 -4.60 3.00 -5.22
CA PRO A 43 -5.97 2.65 -5.53
C PRO A 43 -6.94 3.21 -4.50
N GLN A 44 -8.14 3.54 -4.94
CA GLN A 44 -9.15 4.13 -4.06
C GLN A 44 -9.55 3.17 -2.95
N ASP A 45 -9.22 1.89 -3.15
CA ASP A 45 -9.55 0.86 -2.16
C ASP A 45 -8.34 0.52 -1.30
N ALA A 46 -7.30 1.34 -1.41
CA ALA A 46 -6.06 1.09 -0.68
C ALA A 46 -6.14 1.65 0.74
N GLU A 47 -5.50 0.95 1.68
CA GLU A 47 -5.32 1.48 3.03
C GLU A 47 -3.84 1.52 3.40
N MET A 48 -3.32 2.72 3.61
CA MET A 48 -1.90 2.90 3.89
C MET A 48 -1.48 2.11 5.11
N LEU A 49 -0.39 1.34 4.97
CA LEU A 49 0.18 0.60 6.09
C LEU A 49 1.40 1.31 6.66
N PHE A 50 2.36 1.61 5.79
CA PHE A 50 3.53 2.38 6.18
C PHE A 50 4.32 2.85 4.97
N ARG A 51 5.19 3.84 5.17
CA ARG A 51 6.09 4.29 4.12
C ARG A 51 7.55 4.01 4.49
N ASP A 52 8.22 3.21 3.67
CA ASP A 52 9.62 2.88 3.89
C ASP A 52 10.53 3.76 3.04
N ASP A 53 11.84 3.59 3.21
CA ASP A 53 12.82 4.34 2.43
C ASP A 53 12.88 3.83 0.99
N LYS A 54 12.49 2.57 0.80
CA LYS A 54 12.61 1.92 -0.50
C LYS A 54 11.25 1.78 -1.17
N PHE A 55 10.22 1.51 -0.37
CA PHE A 55 8.90 1.19 -0.90
C PHE A 55 7.80 1.68 0.03
N ILE A 56 6.59 1.76 -0.49
CA ILE A 56 5.42 2.07 0.33
C ILE A 56 4.42 0.92 0.31
N ALA A 57 3.95 0.55 1.50
CA ALA A 57 3.05 -0.59 1.65
C ALA A 57 1.62 -0.15 1.91
N TYR A 58 0.68 -0.81 1.26
CA TYR A 58 -0.75 -0.56 1.51
C TYR A 58 -1.55 -1.85 1.40
N ARG A 59 -2.72 -1.87 2.03
CA ARG A 59 -3.61 -3.01 1.97
C ARG A 59 -4.84 -2.72 1.10
N LEU A 60 -5.23 -3.70 0.29
CA LEU A 60 -6.45 -3.59 -0.49
C LEU A 60 -7.62 -4.27 0.21
N VAL A 61 -8.70 -3.52 0.43
CA VAL A 61 -9.86 -4.02 1.16
C VAL A 61 -11.14 -3.75 0.39
N ILE A 25 -4.39 -10.77 7.56
CA ILE A 25 -5.12 -10.26 6.40
C ILE A 25 -6.33 -11.12 6.09
N PRO A 26 -7.52 -10.58 6.33
CA PRO A 26 -8.77 -11.28 6.08
C PRO A 26 -8.82 -11.77 4.64
N THR A 27 -9.42 -12.94 4.43
CA THR A 27 -9.54 -13.53 3.11
C THR A 27 -10.21 -12.56 2.13
N GLY A 28 -9.62 -12.38 0.97
CA GLY A 28 -10.16 -11.49 -0.05
C GLY A 28 -9.40 -10.17 -0.07
N GLN A 29 -8.67 -9.88 1.00
CA GLN A 29 -7.85 -8.68 1.08
C GLN A 29 -6.39 -8.98 0.73
N HIS A 30 -5.69 -7.97 0.23
CA HIS A 30 -4.33 -8.15 -0.25
C HIS A 30 -3.42 -7.04 0.26
N VAL A 31 -2.14 -7.35 0.40
CA VAL A 31 -1.13 -6.34 0.72
C VAL A 31 -0.14 -6.16 -0.44
N VAL A 32 0.06 -4.92 -0.85
CA VAL A 32 0.90 -4.62 -2.00
C VAL A 32 1.97 -3.60 -1.65
N CYS A 33 3.19 -3.84 -2.11
CA CYS A 33 4.29 -2.90 -1.90
C CYS A 33 4.80 -2.35 -3.23
N ARG A 34 4.93 -1.04 -3.31
CA ARG A 34 5.39 -0.39 -4.53
C ARG A 34 6.45 0.66 -4.24
N PRO A 35 7.29 0.94 -5.23
CA PRO A 35 8.29 1.99 -5.10
C PRO A 35 7.68 3.29 -4.61
N TRP A 36 8.37 3.98 -3.70
CA TRP A 36 7.85 5.18 -3.08
C TRP A 36 8.00 6.39 -3.99
N ASN A 37 6.94 7.18 -4.11
CA ASN A 37 6.97 8.38 -4.94
C ASN A 37 5.96 9.41 -4.45
N PRO A 38 6.46 10.51 -3.90
CA PRO A 38 5.61 11.51 -3.27
C PRO A 38 4.57 12.04 -4.25
N GLU A 39 4.87 11.91 -5.54
CA GLU A 39 4.01 12.50 -6.57
C GLU A 39 2.92 11.53 -7.00
N ILE A 40 2.94 10.34 -6.42
CA ILE A 40 1.96 9.30 -6.77
C ILE A 40 1.14 8.90 -5.55
N THR A 41 -0.17 8.98 -5.68
CA THR A 41 -1.08 8.62 -4.59
C THR A 41 -1.41 7.14 -4.62
N LEU A 42 -2.04 6.66 -3.55
CA LEU A 42 -2.49 5.27 -3.48
C LEU A 42 -3.87 5.11 -4.09
N PRO A 43 -4.18 3.90 -4.54
CA PRO A 43 -5.50 3.58 -5.06
C PRO A 43 -6.59 3.98 -4.06
N GLN A 44 -7.75 4.36 -4.59
CA GLN A 44 -8.85 4.82 -3.74
C GLN A 44 -9.36 3.70 -2.85
N ASP A 45 -9.01 2.47 -3.19
CA ASP A 45 -9.42 1.31 -2.41
C ASP A 45 -8.29 0.80 -1.53
N ALA A 46 -7.24 1.60 -1.42
CA ALA A 46 -6.06 1.21 -0.65
C ALA A 46 -6.09 1.80 0.76
N GLU A 47 -5.55 1.05 1.71
CA GLU A 47 -5.32 1.57 3.06
C GLU A 47 -3.84 1.51 3.42
N MET A 48 -3.23 2.68 3.60
CA MET A 48 -1.80 2.77 3.84
C MET A 48 -1.40 2.03 5.10
N LEU A 49 -0.32 1.25 5.02
CA LEU A 49 0.21 0.56 6.18
C LEU A 49 1.47 1.23 6.70
N PHE A 50 2.43 1.46 5.80
CA PHE A 50 3.67 2.13 6.16
C PHE A 50 4.48 2.50 4.92
N ARG A 51 5.49 3.33 5.09
CA ARG A 51 6.41 3.67 4.01
C ARG A 51 7.80 3.96 4.55
N ASP A 52 8.81 3.85 3.69
CA ASP A 52 10.14 4.37 3.98
C ASP A 52 10.74 5.09 2.79
N ASP A 53 12.07 5.11 2.72
CA ASP A 53 12.76 5.85 1.68
C ASP A 53 12.88 5.03 0.40
N LYS A 54 12.36 3.82 0.44
CA LYS A 54 12.47 2.90 -0.70
C LYS A 54 11.10 2.62 -1.32
N PHE A 55 10.16 2.19 -0.49
CA PHE A 55 8.88 1.70 -0.99
C PHE A 55 7.75 2.05 -0.03
N ILE A 56 6.52 1.88 -0.50
CA ILE A 56 5.35 2.08 0.35
C ILE A 56 4.44 0.85 0.34
N ALA A 57 3.94 0.47 1.51
CA ALA A 57 3.06 -0.67 1.63
C ALA A 57 1.62 -0.25 1.93
N TYR A 58 0.67 -0.89 1.27
CA TYR A 58 -0.74 -0.61 1.52
C TYR A 58 -1.57 -1.88 1.40
N ARG A 59 -2.76 -1.87 2.01
CA ARG A 59 -3.67 -2.99 1.92
C ARG A 59 -4.87 -2.66 1.05
N LEU A 60 -5.26 -3.61 0.20
CA LEU A 60 -6.46 -3.47 -0.61
C LEU A 60 -7.67 -4.09 0.07
N VAL A 61 -8.73 -3.29 0.23
CA VAL A 61 -9.92 -3.75 0.93
C VAL A 61 -11.18 -3.46 0.12
N ILE A 25 -1.15 -12.81 4.57
CA ILE A 25 -2.26 -12.01 4.10
C ILE A 25 -3.58 -12.74 4.30
N PRO A 26 -4.40 -12.23 5.22
CA PRO A 26 -5.70 -12.82 5.50
C PRO A 26 -6.55 -12.93 4.25
N THR A 27 -7.35 -13.99 4.16
CA THR A 27 -8.22 -14.20 3.02
C THR A 27 -9.14 -13.02 2.79
N GLY A 28 -9.22 -12.56 1.55
CA GLY A 28 -10.07 -11.44 1.19
C GLY A 28 -9.29 -10.13 1.16
N GLN A 29 -8.06 -10.18 1.66
CA GLN A 29 -7.19 -9.01 1.67
C GLN A 29 -6.02 -9.18 0.70
N HIS A 30 -5.46 -8.05 0.29
CA HIS A 30 -4.25 -8.07 -0.55
C HIS A 30 -3.29 -6.96 -0.14
N VAL A 31 -2.11 -7.36 0.35
CA VAL A 31 -1.08 -6.41 0.73
C VAL A 31 -0.11 -6.17 -0.41
N VAL A 32 0.10 -4.91 -0.76
CA VAL A 32 0.91 -4.56 -1.93
C VAL A 32 1.96 -3.50 -1.57
N CYS A 33 3.17 -3.70 -2.06
CA CYS A 33 4.23 -2.71 -1.91
C CYS A 33 4.69 -2.18 -3.26
N ARG A 34 4.89 -0.87 -3.34
CA ARG A 34 5.34 -0.23 -4.57
C ARG A 34 6.55 0.66 -4.32
N PRO A 35 7.34 0.88 -5.36
CA PRO A 35 8.52 1.74 -5.26
C PRO A 35 8.18 3.07 -4.62
N TRP A 36 9.08 3.54 -3.75
CA TRP A 36 8.84 4.77 -3.01
C TRP A 36 8.36 5.89 -3.92
N ASN A 37 7.27 6.54 -3.53
CA ASN A 37 6.70 7.63 -4.31
C ASN A 37 5.88 8.57 -3.43
N PRO A 38 6.44 9.74 -3.16
CA PRO A 38 5.79 10.70 -2.26
C PRO A 38 4.38 11.02 -2.74
N GLU A 39 4.13 10.83 -4.03
CA GLU A 39 2.84 11.16 -4.61
C GLU A 39 2.09 9.90 -5.04
N ILE A 40 2.41 8.78 -4.40
CA ILE A 40 1.77 7.51 -4.70
C ILE A 40 0.25 7.65 -4.67
N THR A 41 -0.41 7.12 -5.68
CA THR A 41 -1.87 7.12 -5.73
C THR A 41 -2.43 5.72 -5.54
N LEU A 42 -3.30 5.56 -4.56
CA LEU A 42 -3.83 4.26 -4.19
C LEU A 42 -5.31 4.13 -4.56
N PRO A 43 -5.73 2.91 -4.85
CA PRO A 43 -7.14 2.63 -5.09
C PRO A 43 -8.02 3.14 -3.96
N GLN A 44 -9.26 3.48 -4.28
CA GLN A 44 -10.19 4.01 -3.30
C GLN A 44 -10.51 2.97 -2.23
N ASP A 45 -10.19 1.72 -2.52
CA ASP A 45 -10.44 0.63 -1.58
C ASP A 45 -9.16 0.26 -0.83
N ALA A 46 -8.15 1.11 -0.93
CA ALA A 46 -6.86 0.85 -0.31
C ALA A 46 -6.73 1.61 1.02
N GLU A 47 -5.90 1.08 1.91
CA GLU A 47 -5.46 1.83 3.08
C GLU A 47 -3.95 1.75 3.25
N MET A 48 -3.37 2.82 3.77
CA MET A 48 -1.92 2.90 3.98
C MET A 48 -1.49 2.04 5.16
N LEU A 49 -0.42 1.29 4.99
CA LEU A 49 0.18 0.55 6.09
C LEU A 49 1.39 1.30 6.67
N PHE A 50 2.34 1.62 5.80
CA PHE A 50 3.49 2.42 6.21
C PHE A 50 4.29 2.89 4.99
N ARG A 51 5.15 3.89 5.21
CA ARG A 51 6.04 4.35 4.16
C ARG A 51 7.50 4.04 4.51
N ASP A 52 8.22 3.43 3.57
CA ASP A 52 9.64 3.17 3.74
C ASP A 52 10.47 4.08 2.84
N ASP A 53 11.78 3.96 2.93
CA ASP A 53 12.69 4.71 2.08
C ASP A 53 12.79 4.09 0.69
N LYS A 54 12.47 2.80 0.60
CA LYS A 54 12.62 2.06 -0.65
C LYS A 54 11.25 1.83 -1.31
N PHE A 55 10.23 1.65 -0.49
CA PHE A 55 8.91 1.29 -0.99
C PHE A 55 7.82 1.81 -0.06
N ILE A 56 6.58 1.85 -0.57
CA ILE A 56 5.43 2.17 0.25
C ILE A 56 4.44 1.02 0.30
N ALA A 57 3.99 0.67 1.50
CA ALA A 57 3.14 -0.49 1.70
C ALA A 57 1.69 -0.07 1.96
N TYR A 58 0.75 -0.74 1.28
CA TYR A 58 -0.66 -0.51 1.51
C TYR A 58 -1.45 -1.81 1.37
N ARG A 59 -2.70 -1.79 1.84
CA ARG A 59 -3.54 -2.97 1.84
C ARG A 59 -4.88 -2.69 1.15
N LEU A 60 -5.33 -3.65 0.34
CA LEU A 60 -6.68 -3.63 -0.19
C LEU A 60 -7.64 -4.43 0.70
N VAL A 61 -8.71 -3.77 1.14
CA VAL A 61 -9.64 -4.37 2.09
C VAL A 61 -10.86 -3.48 2.31
N ILE A 25 -2.29 -12.51 6.26
CA ILE A 25 -3.33 -11.84 5.48
C ILE A 25 -4.56 -12.73 5.35
N PRO A 26 -5.70 -12.21 5.78
CA PRO A 26 -6.96 -12.95 5.73
C PRO A 26 -7.49 -13.01 4.30
N THR A 27 -8.26 -14.06 4.02
CA THR A 27 -8.86 -14.24 2.70
C THR A 27 -9.74 -13.04 2.32
N GLY A 28 -9.55 -12.54 1.12
CA GLY A 28 -10.34 -11.42 0.63
C GLY A 28 -9.55 -10.11 0.69
N GLN A 29 -8.44 -10.13 1.41
CA GLN A 29 -7.58 -8.97 1.54
C GLN A 29 -6.20 -9.23 0.94
N HIS A 30 -5.55 -8.17 0.49
CA HIS A 30 -4.20 -8.27 -0.07
C HIS A 30 -3.32 -7.14 0.41
N VAL A 31 -2.02 -7.40 0.48
CA VAL A 31 -1.04 -6.36 0.77
C VAL A 31 -0.10 -6.15 -0.41
N VAL A 32 0.07 -4.89 -0.82
CA VAL A 32 0.87 -4.55 -1.99
C VAL A 32 1.91 -3.51 -1.66
N CYS A 33 3.13 -3.71 -2.15
CA CYS A 33 4.20 -2.73 -1.98
C CYS A 33 4.65 -2.16 -3.32
N ARG A 34 4.86 -0.85 -3.35
CA ARG A 34 5.33 -0.18 -4.57
C ARG A 34 6.54 0.69 -4.29
N PRO A 35 7.33 0.95 -5.33
CA PRO A 35 8.52 1.77 -5.22
C PRO A 35 8.20 3.09 -4.52
N TRP A 36 9.09 3.53 -3.64
CA TRP A 36 8.86 4.73 -2.85
C TRP A 36 8.41 5.89 -3.73
N ASN A 37 7.31 6.52 -3.34
CA ASN A 37 6.80 7.68 -4.07
C ASN A 37 5.99 8.58 -3.16
N PRO A 38 6.57 9.73 -2.79
CA PRO A 38 5.91 10.67 -1.90
C PRO A 38 4.51 11.01 -2.40
N GLU A 39 4.32 10.94 -3.70
CA GLU A 39 3.04 11.30 -4.32
C GLU A 39 2.32 10.06 -4.84
N ILE A 40 2.57 8.93 -4.19
CA ILE A 40 1.92 7.68 -4.58
C ILE A 40 0.41 7.83 -4.58
N THR A 41 -0.24 7.29 -5.62
CA THR A 41 -1.69 7.29 -5.71
C THR A 41 -2.25 5.89 -5.52
N LEU A 42 -3.12 5.72 -4.54
CA LEU A 42 -3.65 4.40 -4.19
C LEU A 42 -5.13 4.30 -4.54
N PRO A 43 -5.58 3.08 -4.80
CA PRO A 43 -7.00 2.81 -5.00
C PRO A 43 -7.83 3.35 -3.84
N GLN A 44 -9.07 3.75 -4.12
CA GLN A 44 -9.95 4.30 -3.10
C GLN A 44 -10.26 3.27 -2.03
N ASP A 45 -10.01 2.00 -2.34
CA ASP A 45 -10.27 0.91 -1.40
C ASP A 45 -8.99 0.46 -0.72
N ALA A 46 -7.94 1.25 -0.85
CA ALA A 46 -6.65 0.93 -0.25
C ALA A 46 -6.51 1.56 1.12
N GLU A 47 -5.77 0.89 2.01
CA GLU A 47 -5.44 1.45 3.32
C GLU A 47 -3.95 1.49 3.55
N MET A 48 -3.41 2.68 3.74
CA MET A 48 -1.98 2.85 3.95
C MET A 48 -1.49 2.10 5.18
N LEU A 49 -0.41 1.36 5.02
CA LEU A 49 0.20 0.64 6.13
C LEU A 49 1.41 1.38 6.68
N PHE A 50 2.36 1.70 5.80
CA PHE A 50 3.51 2.49 6.17
C PHE A 50 4.29 2.95 4.95
N ARG A 51 5.15 3.95 5.13
CA ARG A 51 6.04 4.39 4.06
C ARG A 51 7.50 4.18 4.43
N ASP A 52 8.21 3.42 3.60
CA ASP A 52 9.64 3.19 3.80
C ASP A 52 10.47 4.07 2.89
N ASP A 53 11.79 3.97 3.02
CA ASP A 53 12.70 4.71 2.15
C ASP A 53 12.89 4.01 0.81
N LYS A 54 12.43 2.77 0.73
CA LYS A 54 12.58 1.97 -0.47
C LYS A 54 11.25 1.75 -1.17
N PHE A 55 10.20 1.56 -0.37
CA PHE A 55 8.88 1.21 -0.90
C PHE A 55 7.78 1.72 0.01
N ILE A 56 6.56 1.78 -0.53
CA ILE A 56 5.38 2.09 0.28
C ILE A 56 4.41 0.92 0.30
N ALA A 57 3.93 0.58 1.49
CA ALA A 57 3.06 -0.57 1.67
C ALA A 57 1.62 -0.14 1.95
N TYR A 58 0.66 -0.80 1.32
CA TYR A 58 -0.75 -0.57 1.60
C TYR A 58 -1.56 -1.86 1.49
N ARG A 59 -2.73 -1.87 2.11
CA ARG A 59 -3.59 -3.04 2.09
C ARG A 59 -4.86 -2.77 1.28
N LEU A 60 -5.28 -3.77 0.52
CA LEU A 60 -6.55 -3.69 -0.21
C LEU A 60 -7.65 -4.44 0.52
N VAL A 61 -8.76 -3.76 0.78
CA VAL A 61 -9.86 -4.34 1.54
C VAL A 61 -11.20 -4.12 0.83
N ILE A 25 -2.85 -12.38 6.24
CA ILE A 25 -3.77 -11.59 5.43
C ILE A 25 -5.13 -12.28 5.31
N PRO A 26 -6.16 -11.63 5.84
CA PRO A 26 -7.51 -12.16 5.78
C PRO A 26 -7.91 -12.49 4.35
N THR A 27 -8.64 -13.59 4.18
CA THR A 27 -9.05 -14.04 2.85
C THR A 27 -9.82 -12.95 2.12
N GLY A 28 -9.42 -12.69 0.88
CA GLY A 28 -10.09 -11.69 0.06
C GLY A 28 -9.34 -10.37 0.07
N GLN A 29 -8.45 -10.22 1.05
CA GLN A 29 -7.64 -9.01 1.16
C GLN A 29 -6.24 -9.22 0.60
N HIS A 30 -5.57 -8.14 0.23
CA HIS A 30 -4.22 -8.21 -0.32
C HIS A 30 -3.33 -7.12 0.27
N VAL A 31 -2.04 -7.41 0.38
CA VAL A 31 -1.05 -6.40 0.74
C VAL A 31 -0.09 -6.14 -0.41
N VAL A 32 0.07 -4.86 -0.77
CA VAL A 32 0.83 -4.49 -1.94
C VAL A 32 1.96 -3.52 -1.58
N CYS A 33 3.15 -3.79 -2.09
CA CYS A 33 4.28 -2.87 -1.92
C CYS A 33 4.78 -2.35 -3.27
N ARG A 34 4.93 -1.04 -3.36
CA ARG A 34 5.32 -0.39 -4.61
C ARG A 34 6.31 0.74 -4.36
N PRO A 35 7.25 0.93 -5.28
CA PRO A 35 8.23 1.98 -5.18
C PRO A 35 7.63 3.34 -5.53
N TRP A 36 6.67 3.78 -4.71
CA TRP A 36 5.93 5.00 -5.00
C TRP A 36 6.28 6.11 -4.02
N ASN A 37 6.02 7.36 -4.42
CA ASN A 37 6.26 8.50 -3.55
C ASN A 37 5.51 8.35 -2.23
N PRO A 38 6.15 8.75 -1.14
CA PRO A 38 5.52 8.73 0.17
C PRO A 38 4.16 9.40 0.14
N GLU A 39 4.01 10.39 -0.74
CA GLU A 39 2.78 11.16 -0.83
C GLU A 39 1.89 10.68 -1.97
N ILE A 40 2.17 9.47 -2.45
CA ILE A 40 1.40 8.89 -3.55
C ILE A 40 -0.07 8.74 -3.17
N THR A 41 -0.95 9.10 -4.10
CA THR A 41 -2.38 8.89 -3.92
C THR A 41 -2.78 7.45 -4.22
N LEU A 42 -3.44 6.81 -3.27
CA LEU A 42 -3.83 5.41 -3.41
C LEU A 42 -5.31 5.29 -3.75
N PRO A 43 -5.68 4.15 -4.33
CA PRO A 43 -7.08 3.87 -4.62
C PRO A 43 -7.95 4.02 -3.37
N GLN A 44 -9.22 4.36 -3.57
CA GLN A 44 -10.14 4.56 -2.46
C GLN A 44 -10.35 3.28 -1.68
N ASP A 45 -9.97 2.16 -2.27
CA ASP A 45 -10.11 0.85 -1.63
C ASP A 45 -8.81 0.40 -1.00
N ALA A 46 -7.84 1.31 -0.95
CA ALA A 46 -6.53 1.00 -0.39
C ALA A 46 -6.33 1.67 0.96
N GLU A 47 -5.63 0.99 1.87
CA GLU A 47 -5.30 1.56 3.17
C GLU A 47 -3.80 1.50 3.42
N MET A 48 -3.18 2.68 3.54
CA MET A 48 -1.74 2.76 3.75
C MET A 48 -1.33 2.04 5.03
N LEU A 49 -0.32 1.18 4.92
CA LEU A 49 0.18 0.44 6.08
C LEU A 49 1.42 1.11 6.66
N PHE A 50 2.37 1.45 5.80
CA PHE A 50 3.56 2.18 6.22
C PHE A 50 4.27 2.80 5.02
N ARG A 51 5.20 3.71 5.30
CA ARG A 51 5.96 4.38 4.25
C ARG A 51 7.46 4.32 4.53
N ASP A 52 8.26 4.34 3.47
CA ASP A 52 9.70 4.40 3.59
C ASP A 52 10.32 5.27 2.51
N ASP A 53 11.64 5.44 2.57
CA ASP A 53 12.36 6.20 1.56
C ASP A 53 12.62 5.38 0.31
N LYS A 54 12.35 4.08 0.41
CA LYS A 54 12.56 3.17 -0.71
C LYS A 54 11.25 2.81 -1.39
N PHE A 55 10.22 2.59 -0.59
CA PHE A 55 8.91 2.19 -1.12
C PHE A 55 7.80 2.47 -0.11
N ILE A 56 6.55 2.34 -0.55
CA ILE A 56 5.41 2.37 0.35
C ILE A 56 4.61 1.08 0.26
N ALA A 57 3.77 0.84 1.28
CA ALA A 57 2.97 -0.37 1.33
C ALA A 57 1.54 -0.07 1.80
N TYR A 58 0.58 -0.76 1.20
CA TYR A 58 -0.82 -0.55 1.54
C TYR A 58 -1.61 -1.85 1.46
N ARG A 59 -2.78 -1.88 2.07
CA ARG A 59 -3.66 -3.05 2.01
C ARG A 59 -4.88 -2.76 1.16
N LEU A 60 -5.30 -3.75 0.38
CA LEU A 60 -6.54 -3.66 -0.39
C LEU A 60 -7.66 -4.41 0.30
N VAL A 61 -8.80 -3.74 0.47
CA VAL A 61 -9.93 -4.32 1.17
C VAL A 61 -11.23 -4.11 0.39
N ILE A 25 -1.73 -12.49 6.43
CA ILE A 25 -2.70 -11.58 5.84
C ILE A 25 -4.12 -12.12 6.00
N PRO A 26 -4.97 -11.32 6.64
CA PRO A 26 -6.37 -11.70 6.85
C PRO A 26 -7.03 -12.13 5.53
N THR A 27 -7.86 -13.17 5.60
CA THR A 27 -8.52 -13.69 4.41
C THR A 27 -9.34 -12.61 3.72
N GLY A 28 -9.13 -12.46 2.42
CA GLY A 28 -9.86 -11.48 1.63
C GLY A 28 -9.06 -10.19 1.46
N GLN A 29 -8.02 -10.05 2.27
CA GLN A 29 -7.14 -8.88 2.20
C GLN A 29 -5.95 -9.14 1.29
N HIS A 30 -5.55 -8.13 0.54
CA HIS A 30 -4.30 -8.17 -0.23
C HIS A 30 -3.33 -7.09 0.24
N VAL A 31 -2.05 -7.43 0.26
CA VAL A 31 -1.01 -6.47 0.64
C VAL A 31 -0.05 -6.24 -0.51
N VAL A 32 0.16 -4.98 -0.86
CA VAL A 32 1.00 -4.63 -2.01
C VAL A 32 2.00 -3.52 -1.64
N CYS A 33 3.23 -3.68 -2.10
CA CYS A 33 4.23 -2.63 -1.95
C CYS A 33 4.63 -2.05 -3.30
N ARG A 34 4.86 -0.73 -3.33
CA ARG A 34 5.28 -0.06 -4.55
C ARG A 34 6.54 0.78 -4.31
N PRO A 35 7.30 0.98 -5.38
CA PRO A 35 8.51 1.80 -5.29
C PRO A 35 8.23 3.14 -4.64
N TRP A 36 9.17 3.61 -3.82
CA TRP A 36 9.00 4.87 -3.12
C TRP A 36 8.38 5.94 -4.02
N ASN A 37 7.32 6.56 -3.54
CA ASN A 37 6.64 7.62 -4.29
C ASN A 37 5.87 8.55 -3.36
N PRO A 38 6.44 9.74 -3.14
CA PRO A 38 5.86 10.69 -2.19
C PRO A 38 4.41 11.01 -2.55
N GLU A 39 4.07 10.82 -3.82
CA GLU A 39 2.74 11.17 -4.31
C GLU A 39 1.97 9.92 -4.72
N ILE A 40 2.32 8.78 -4.12
CA ILE A 40 1.64 7.52 -4.41
C ILE A 40 0.13 7.67 -4.32
N THR A 41 -0.58 7.15 -5.32
CA THR A 41 -2.04 7.16 -5.32
C THR A 41 -2.60 5.75 -5.14
N LEU A 42 -3.47 5.60 -4.15
CA LEU A 42 -4.00 4.29 -3.81
C LEU A 42 -5.48 4.18 -4.18
N PRO A 43 -5.92 2.96 -4.48
CA PRO A 43 -7.33 2.70 -4.73
C PRO A 43 -8.19 3.23 -3.60
N GLN A 44 -9.41 3.63 -3.92
CA GLN A 44 -10.33 4.20 -2.94
C GLN A 44 -10.63 3.21 -1.83
N ASP A 45 -10.48 1.92 -2.12
CA ASP A 45 -10.77 0.88 -1.15
C ASP A 45 -9.50 0.36 -0.49
N ALA A 46 -8.41 1.09 -0.70
CA ALA A 46 -7.11 0.69 -0.15
C ALA A 46 -6.71 1.59 1.02
N GLU A 47 -5.91 1.04 1.93
CA GLU A 47 -5.38 1.81 3.05
C GLU A 47 -3.87 1.64 3.17
N MET A 48 -3.18 2.74 3.44
CA MET A 48 -1.72 2.72 3.59
C MET A 48 -1.32 2.09 4.92
N LEU A 49 -0.32 1.22 4.87
CA LEU A 49 0.16 0.54 6.06
C LEU A 49 1.34 1.28 6.68
N PHE A 50 2.35 1.58 5.85
CA PHE A 50 3.51 2.34 6.29
C PHE A 50 4.34 2.80 5.10
N ARG A 51 5.22 3.77 5.34
CA ARG A 51 6.15 4.23 4.33
C ARG A 51 7.57 3.79 4.63
N ASP A 52 8.36 3.59 3.58
CA ASP A 52 9.79 3.36 3.73
C ASP A 52 10.59 4.21 2.76
N ASP A 53 11.92 4.10 2.83
CA ASP A 53 12.80 4.84 1.93
C ASP A 53 12.86 4.16 0.56
N LYS A 54 12.48 2.89 0.51
CA LYS A 54 12.60 2.12 -0.72
C LYS A 54 11.23 1.91 -1.37
N PHE A 55 10.20 1.75 -0.53
CA PHE A 55 8.88 1.37 -1.00
C PHE A 55 7.79 1.90 -0.06
N ILE A 56 6.56 1.88 -0.54
CA ILE A 56 5.40 2.17 0.31
C ILE A 56 4.43 0.99 0.34
N ALA A 57 4.00 0.62 1.54
CA ALA A 57 3.14 -0.54 1.73
C ALA A 57 1.70 -0.12 1.98
N TYR A 58 0.77 -0.83 1.35
CA TYR A 58 -0.66 -0.62 1.58
C TYR A 58 -1.44 -1.91 1.44
N ARG A 59 -2.69 -1.89 1.88
CA ARG A 59 -3.57 -3.06 1.77
C ARG A 59 -4.83 -2.73 0.99
N LEU A 60 -5.39 -3.73 0.33
CA LEU A 60 -6.67 -3.58 -0.36
C LEU A 60 -7.72 -4.51 0.24
N VAL A 61 -8.84 -3.93 0.65
CA VAL A 61 -9.91 -4.70 1.29
C VAL A 61 -11.27 -4.35 0.69
#